data_4D2L
#
_entry.id   4D2L
#
_cell.length_a   116.691
_cell.length_b   116.691
_cell.length_c   103.639
_cell.angle_alpha   90.00
_cell.angle_beta   90.00
_cell.angle_gamma   120.00
#
_symmetry.space_group_name_H-M   'P 64 2 2'
#
loop_
_entity.id
_entity.type
_entity.pdbx_description
1 polymer 'PROTEIN F1L'
2 polymer 'BCL-2 HOMOLOGOUS ANTAGONIST/KILLER'
#
loop_
_entity_poly.entity_id
_entity_poly.type
_entity_poly.pdbx_seq_one_letter_code
_entity_poly.pdbx_strand_id
1 'polypeptide(L)'
;MGSHHHHHHSQDPVQDIEDEASNNVDHDYVYPLPENMVYRFDKSTNILDYLSTERDHVMMAVRYYMSKQRLDDLYRQLPT
KTRSYIDIINIYCDKVSNDYNRDMNIMYDMASTKSFTVYDFNNEVNTIMLDNKGLGVRLATISFITELGRRCMNPVKTIK
MFTLLSHTICDDCFVDYITDIS
;
A
2 'polypeptide(L)' PSSTMGQVGRQLKIIGDDINRRYDSQ B
#
# COMPACT_ATOMS: atom_id res chain seq x y z
N THR A 45 -13.65 8.58 11.11
CA THR A 45 -13.33 9.95 11.56
C THR A 45 -12.41 9.92 12.78
N ASN A 46 -11.09 10.00 12.55
CA ASN A 46 -10.06 9.91 13.61
C ASN A 46 -9.91 8.53 14.29
N ILE A 47 -9.21 8.46 15.44
CA ILE A 47 -8.81 7.20 16.12
C ILE A 47 -9.31 7.19 17.58
N LEU A 48 -9.20 8.34 18.25
CA LEU A 48 -9.51 8.54 19.67
C LEU A 48 -11.00 8.30 20.01
N ASP A 49 -11.84 8.52 19.01
CA ASP A 49 -13.24 8.16 19.02
C ASP A 49 -13.54 6.72 19.37
N TYR A 50 -12.87 5.73 18.78
CA TYR A 50 -13.33 4.36 19.01
C TYR A 50 -12.87 3.89 20.37
N LEU A 51 -11.90 4.59 20.93
CA LEU A 51 -11.38 4.22 22.24
C LEU A 51 -12.21 4.85 23.39
N SER A 52 -13.52 4.58 23.41
CA SER A 52 -14.44 5.21 24.35
C SER A 52 -14.19 4.78 25.79
N THR A 53 -14.53 3.52 26.08
CA THR A 53 -14.47 2.99 27.43
C THR A 53 -13.11 2.35 27.76
N GLU A 54 -12.94 1.94 29.02
CA GLU A 54 -11.73 1.27 29.47
C GLU A 54 -11.54 -0.05 28.75
N ARG A 55 -12.62 -0.81 28.63
CA ARG A 55 -12.60 -2.08 27.92
C ARG A 55 -12.03 -1.93 26.51
N ASP A 56 -12.41 -0.86 25.83
CA ASP A 56 -11.96 -0.61 24.47
C ASP A 56 -10.45 -0.40 24.36
N HIS A 57 -9.86 0.21 25.38
CA HIS A 57 -8.42 0.35 25.45
C HIS A 57 -7.72 -0.99 25.65
N VAL A 58 -8.19 -1.78 26.60
CA VAL A 58 -7.59 -3.08 26.85
C VAL A 58 -7.76 -4.00 25.64
N MET A 59 -8.96 -3.98 25.06
CA MET A 59 -9.30 -4.80 23.91
C MET A 59 -8.43 -4.45 22.69
N MET A 60 -8.09 -3.18 22.59
CA MET A 60 -7.25 -2.69 21.51
C MET A 60 -5.81 -3.17 21.75
N ALA A 61 -5.35 -3.03 22.99
CA ALA A 61 -4.01 -3.43 23.34
C ALA A 61 -3.81 -4.93 23.10
N VAL A 62 -4.75 -5.76 23.56
CA VAL A 62 -4.67 -7.19 23.33
C VAL A 62 -4.60 -7.50 21.83
N ARG A 63 -5.47 -6.86 21.06
CA ARG A 63 -5.57 -7.10 19.62
C ARG A 63 -4.28 -6.69 18.92
N TYR A 64 -3.72 -5.56 19.33
CA TYR A 64 -2.45 -5.09 18.80
C TYR A 64 -1.31 -6.07 19.12
N TYR A 65 -1.34 -6.66 20.32
CA TYR A 65 -0.30 -7.59 20.76
C TYR A 65 -0.23 -8.78 19.83
N MET A 66 -1.40 -9.41 19.67
CA MET A 66 -1.58 -10.57 18.80
C MET A 66 -1.08 -10.31 17.38
N SER A 67 -1.53 -9.20 16.80
CA SER A 67 -1.12 -8.86 15.45
C SER A 67 0.39 -8.62 15.35
N LYS A 68 0.99 -7.95 16.34
CA LYS A 68 2.42 -7.68 16.27
C LYS A 68 3.23 -8.96 16.45
N GLN A 69 2.87 -9.80 17.42
CA GLN A 69 3.54 -11.10 17.58
C GLN A 69 3.40 -11.98 16.33
N ARG A 70 2.18 -12.13 15.79
CA ARG A 70 2.02 -12.98 14.60
C ARG A 70 2.93 -12.48 13.47
N LEU A 71 3.08 -11.16 13.39
CA LEU A 71 3.86 -10.54 12.34
C LEU A 71 5.37 -10.68 12.51
N ASP A 72 5.85 -10.45 13.72
CA ASP A 72 7.27 -10.66 14.00
C ASP A 72 7.69 -12.10 13.85
N ASP A 73 6.87 -13.04 14.32
CA ASP A 73 7.23 -14.43 14.17
C ASP A 73 7.25 -14.80 12.70
N LEU A 74 6.28 -14.25 11.99
CA LEU A 74 6.19 -14.46 10.56
C LEU A 74 7.49 -14.07 9.87
N TYR A 75 8.04 -12.91 10.20
CA TYR A 75 9.28 -12.49 9.58
C TYR A 75 10.36 -13.52 9.87
N ARG A 76 10.39 -14.04 11.09
CA ARG A 76 11.45 -14.97 11.52
C ARG A 76 11.36 -16.33 10.85
N GLN A 77 10.15 -16.76 10.53
CA GLN A 77 9.97 -18.01 9.83
C GLN A 77 9.98 -17.79 8.32
N LEU A 78 10.69 -16.75 7.89
CA LEU A 78 10.81 -16.43 6.47
C LEU A 78 12.22 -16.68 5.94
N PRO A 79 12.32 -17.23 4.72
CA PRO A 79 13.61 -17.42 4.05
C PRO A 79 14.31 -16.10 3.79
N THR A 80 15.63 -16.14 3.69
CA THR A 80 16.42 -14.93 3.53
C THR A 80 16.11 -14.22 2.21
N LYS A 81 15.59 -14.98 1.25
CA LYS A 81 15.20 -14.44 -0.06
C LYS A 81 14.04 -13.47 0.10
N THR A 82 12.95 -13.99 0.66
CA THR A 82 11.79 -13.20 1.02
C THR A 82 12.20 -12.02 1.89
N ARG A 83 13.07 -12.29 2.85
CA ARG A 83 13.50 -11.27 3.81
C ARG A 83 14.14 -10.09 3.12
N SER A 84 14.87 -10.37 2.05
CA SER A 84 15.60 -9.36 1.31
C SER A 84 14.65 -8.57 0.42
N TYR A 85 13.66 -9.26 -0.13
CA TYR A 85 12.64 -8.61 -0.93
C TYR A 85 11.93 -7.60 -0.04
N ILE A 86 11.54 -8.06 1.15
CA ILE A 86 10.99 -7.18 2.17
C ILE A 86 11.87 -5.95 2.40
N ASP A 87 13.18 -6.13 2.38
CA ASP A 87 14.09 -5.00 2.59
C ASP A 87 14.00 -4.03 1.41
N ILE A 88 14.00 -4.57 0.19
CA ILE A 88 13.90 -3.78 -1.05
C ILE A 88 12.62 -2.95 -1.09
N ILE A 89 11.48 -3.62 -0.93
CA ILE A 89 10.18 -2.95 -0.91
C ILE A 89 10.13 -1.92 0.21
N ASN A 90 10.76 -2.23 1.33
CA ASN A 90 10.69 -1.34 2.48
C ASN A 90 11.35 0.00 2.18
N ILE A 91 12.52 0.04 1.56
CA ILE A 91 13.16 1.33 1.40
C ILE A 91 12.55 2.11 0.24
N TYR A 92 12.15 1.39 -0.80
CA TYR A 92 11.54 2.04 -1.96
C TYR A 92 10.25 2.74 -1.59
N CYS A 93 9.35 1.99 -0.96
CA CYS A 93 8.04 2.54 -0.64
C CYS A 93 8.06 3.44 0.58
N ASP A 94 9.07 3.31 1.43
CA ASP A 94 9.22 4.22 2.56
C ASP A 94 9.66 5.55 2.01
N LYS A 95 10.31 5.51 0.85
CA LYS A 95 10.80 6.71 0.17
C LYS A 95 9.68 7.35 -0.65
N VAL A 96 9.00 6.52 -1.42
CA VAL A 96 7.85 6.96 -2.19
C VAL A 96 6.80 7.57 -1.27
N SER A 97 6.53 6.93 -0.13
CA SER A 97 5.51 7.44 0.77
C SER A 97 5.92 8.78 1.36
N ASN A 98 7.22 8.96 1.50
CA ASN A 98 7.76 10.15 2.12
C ASN A 98 7.93 11.29 1.10
N ASP A 99 8.45 10.96 -0.08
CA ASP A 99 8.66 11.94 -1.14
C ASP A 99 7.33 12.48 -1.66
N TYR A 100 6.37 11.58 -1.89
CA TYR A 100 5.09 11.99 -2.46
C TYR A 100 3.98 11.96 -1.43
N ASN A 101 4.36 12.25 -0.18
CA ASN A 101 3.42 12.45 0.93
C ASN A 101 2.12 13.19 0.54
N ARG A 102 2.21 14.41 0.00
CA ARG A 102 1.00 15.18 -0.20
C ARG A 102 0.20 14.65 -1.39
N ASP A 103 0.89 14.06 -2.34
CA ASP A 103 0.19 13.39 -3.41
C ASP A 103 -0.61 12.20 -2.87
N MET A 104 -0.12 11.56 -1.81
CA MET A 104 -0.87 10.49 -1.17
C MET A 104 -2.18 11.01 -0.57
N ASN A 105 -2.08 12.05 0.26
CA ASN A 105 -3.26 12.73 0.79
C ASN A 105 -4.20 13.27 -0.25
N ILE A 106 -3.65 13.88 -1.30
CA ILE A 106 -4.45 14.34 -2.42
C ILE A 106 -5.28 13.20 -2.97
N MET A 107 -4.65 12.05 -3.19
CA MET A 107 -5.37 10.92 -3.75
C MET A 107 -6.31 10.33 -2.72
N TYR A 108 -5.98 10.49 -1.45
CA TYR A 108 -6.87 10.03 -0.41
C TYR A 108 -8.18 10.82 -0.45
N ASP A 109 -8.09 12.15 -0.51
CA ASP A 109 -9.29 12.97 -0.61
C ASP A 109 -10.08 12.70 -1.89
N MET A 110 -9.39 12.33 -2.97
CA MET A 110 -10.07 12.08 -4.25
C MET A 110 -10.95 10.85 -4.13
N ALA A 111 -10.51 9.95 -3.27
CA ALA A 111 -11.13 8.65 -3.07
C ALA A 111 -12.30 8.75 -2.12
N SER A 112 -12.24 9.73 -1.23
CA SER A 112 -13.25 9.96 -0.21
C SER A 112 -14.53 10.56 -0.80
N THR A 113 -14.43 11.80 -1.25
CA THR A 113 -15.58 12.60 -1.72
C THR A 113 -16.48 11.88 -2.74
N LYS A 114 -15.98 10.77 -3.31
CA LYS A 114 -16.73 9.94 -4.26
C LYS A 114 -17.08 8.58 -3.65
N SER A 115 -18.24 8.03 -4.01
CA SER A 115 -18.62 6.69 -3.55
C SER A 115 -17.78 5.62 -4.23
N PHE A 116 -16.77 5.16 -3.51
CA PHE A 116 -15.73 4.33 -4.09
C PHE A 116 -15.47 3.09 -3.22
N THR A 117 -15.45 1.92 -3.87
CA THR A 117 -15.24 0.64 -3.22
C THR A 117 -13.87 0.00 -3.56
N VAL A 118 -13.40 -0.84 -2.66
CA VAL A 118 -12.13 -1.54 -2.83
C VAL A 118 -12.03 -2.30 -4.14
N TYR A 119 -13.14 -2.91 -4.53
CA TYR A 119 -13.16 -3.80 -5.67
C TYR A 119 -12.95 -3.06 -6.98
N ASP A 120 -13.80 -2.09 -7.27
CA ASP A 120 -13.68 -1.27 -8.47
C ASP A 120 -12.26 -0.69 -8.56
N PHE A 121 -11.70 -0.36 -7.41
CA PHE A 121 -10.34 0.13 -7.34
C PHE A 121 -9.32 -0.87 -7.85
N ASN A 122 -9.31 -2.05 -7.25
CA ASN A 122 -8.44 -3.11 -7.70
C ASN A 122 -8.51 -3.28 -9.24
N ASN A 123 -9.74 -3.39 -9.77
CA ASN A 123 -9.96 -3.49 -11.21
C ASN A 123 -9.29 -2.38 -12.00
N GLU A 124 -9.40 -1.14 -11.51
CA GLU A 124 -8.76 0.00 -12.19
C GLU A 124 -7.24 -0.17 -12.19
N VAL A 125 -6.68 -0.46 -11.01
CA VAL A 125 -5.26 -0.73 -10.86
C VAL A 125 -4.81 -1.81 -11.82
N ASN A 126 -5.61 -2.86 -11.93
CA ASN A 126 -5.33 -3.95 -12.86
C ASN A 126 -5.26 -3.48 -14.33
N THR A 127 -6.25 -2.71 -14.75
CA THR A 127 -6.28 -2.16 -16.11
C THR A 127 -5.04 -1.30 -16.39
N ILE A 128 -4.68 -0.42 -15.45
CA ILE A 128 -3.44 0.35 -15.52
C ILE A 128 -2.18 -0.51 -15.77
N MET A 129 -2.06 -1.58 -14.98
CA MET A 129 -0.94 -2.52 -15.04
C MET A 129 -0.74 -3.19 -16.39
N LEU A 130 -1.84 -3.37 -17.12
CA LEU A 130 -1.79 -4.01 -18.42
C LEU A 130 -1.02 -3.17 -19.45
N ASP A 131 -1.05 -1.84 -19.33
CA ASP A 131 -0.34 -1.00 -20.29
C ASP A 131 0.88 -0.30 -19.71
N ASN A 132 0.75 0.32 -18.53
CA ASN A 132 1.89 0.92 -17.85
C ASN A 132 2.75 -0.24 -17.33
N LYS A 133 3.99 -0.28 -17.74
CA LYS A 133 4.87 -1.37 -17.33
C LYS A 133 6.09 -0.80 -16.63
N GLY A 134 5.91 0.33 -15.98
CA GLY A 134 7.01 0.97 -15.27
C GLY A 134 7.03 0.48 -13.85
N LEU A 135 8.15 0.69 -13.19
CA LEU A 135 8.22 0.32 -11.78
C LEU A 135 7.43 1.33 -10.93
N GLY A 136 7.64 2.62 -11.24
CA GLY A 136 7.01 3.73 -10.56
C GLY A 136 5.54 3.55 -10.20
N VAL A 137 4.70 3.27 -11.20
CA VAL A 137 3.26 3.17 -10.94
C VAL A 137 2.95 2.10 -9.89
N ARG A 138 3.74 1.02 -9.86
CA ARG A 138 3.52 -0.07 -8.92
C ARG A 138 3.89 0.30 -7.50
N LEU A 139 5.06 0.91 -7.35
CA LEU A 139 5.52 1.40 -6.05
C LEU A 139 4.53 2.39 -5.46
N ALA A 140 4.03 3.29 -6.31
CA ALA A 140 3.12 4.34 -5.90
C ALA A 140 1.79 3.80 -5.41
N THR A 141 1.31 2.74 -6.06
CA THR A 141 0.11 2.03 -5.61
C THR A 141 0.31 1.39 -4.24
N ILE A 142 1.42 0.68 -4.07
CA ILE A 142 1.74 0.09 -2.77
C ILE A 142 1.70 1.15 -1.67
N SER A 143 2.34 2.29 -1.91
CA SER A 143 2.39 3.35 -0.91
C SER A 143 1.02 3.97 -0.68
N PHE A 144 0.24 4.06 -1.74
CA PHE A 144 -1.10 4.61 -1.62
C PHE A 144 -1.99 3.63 -0.86
N ILE A 145 -1.85 2.33 -1.16
CA ILE A 145 -2.63 1.31 -0.43
C ILE A 145 -2.23 1.36 1.05
N THR A 146 -0.94 1.47 1.30
CA THR A 146 -0.46 1.61 2.67
C THR A 146 -1.06 2.82 3.37
N GLU A 147 -1.22 3.93 2.64
CA GLU A 147 -1.87 5.09 3.23
C GLU A 147 -3.36 4.83 3.54
N LEU A 148 -4.10 4.30 2.57
CA LEU A 148 -5.47 3.82 2.81
C LEU A 148 -5.58 2.95 4.06
N GLY A 149 -4.62 2.04 4.23
CA GLY A 149 -4.58 1.16 5.39
C GLY A 149 -4.38 1.85 6.73
N ARG A 150 -3.48 2.82 6.79
CA ARG A 150 -3.15 3.51 8.03
C ARG A 150 -4.37 4.24 8.59
N ARG A 151 -5.29 4.55 7.69
CA ARG A 151 -6.45 5.34 8.07
C ARG A 151 -7.72 4.52 8.35
N CYS A 152 -7.77 3.27 7.88
CA CYS A 152 -8.85 2.33 8.25
C CYS A 152 -8.57 1.67 9.60
N MET A 153 -9.63 1.42 10.38
CA MET A 153 -9.48 0.86 11.72
C MET A 153 -10.04 -0.55 11.82
N ASN A 154 -10.89 -0.92 10.88
CA ASN A 154 -11.28 -2.30 10.73
C ASN A 154 -10.10 -3.13 10.26
N PRO A 155 -9.56 -4.02 11.13
CA PRO A 155 -8.40 -4.79 10.69
C PRO A 155 -8.82 -5.80 9.63
N VAL A 156 -10.05 -6.29 9.72
CA VAL A 156 -10.50 -7.31 8.79
C VAL A 156 -10.62 -6.75 7.37
N LYS A 157 -11.31 -5.63 7.18
CA LYS A 157 -11.48 -5.13 5.83
C LYS A 157 -10.12 -4.68 5.29
N THR A 158 -9.24 -4.26 6.19
CA THR A 158 -7.92 -3.76 5.79
C THR A 158 -7.03 -4.86 5.23
N ILE A 159 -6.96 -5.97 5.95
CA ILE A 159 -6.17 -7.11 5.50
C ILE A 159 -6.74 -7.69 4.21
N LYS A 160 -8.06 -7.72 4.07
CA LYS A 160 -8.62 -8.13 2.79
C LYS A 160 -8.09 -7.28 1.64
N MET A 161 -7.95 -5.98 1.89
CA MET A 161 -7.57 -5.10 0.83
C MET A 161 -6.11 -5.29 0.48
N PHE A 162 -5.29 -5.29 1.53
CA PHE A 162 -3.88 -5.62 1.41
C PHE A 162 -3.72 -6.87 0.55
N THR A 163 -4.49 -7.90 0.89
CA THR A 163 -4.39 -9.19 0.24
C THR A 163 -4.79 -9.16 -1.23
N LEU A 164 -5.99 -8.67 -1.51
CA LEU A 164 -6.44 -8.52 -2.88
C LEU A 164 -5.48 -7.65 -3.71
N LEU A 165 -5.20 -6.44 -3.23
CA LEU A 165 -4.40 -5.53 -4.03
C LEU A 165 -2.96 -6.01 -4.29
N SER A 166 -2.35 -6.69 -3.33
CA SER A 166 -0.97 -7.14 -3.51
C SER A 166 -0.87 -8.23 -4.56
N HIS A 167 -1.91 -9.04 -4.70
CA HIS A 167 -2.06 -9.90 -5.87
C HIS A 167 -1.97 -9.10 -7.16
N THR A 168 -2.89 -8.15 -7.29
CA THR A 168 -2.96 -7.30 -8.48
C THR A 168 -1.64 -6.56 -8.77
N ILE A 169 -1.04 -5.98 -7.73
CA ILE A 169 0.20 -5.24 -7.88
C ILE A 169 1.34 -6.15 -8.32
N CYS A 170 1.41 -7.34 -7.75
CA CYS A 170 2.54 -8.21 -8.11
C CYS A 170 2.28 -9.00 -9.37
N ASP A 171 2.14 -8.30 -10.49
CA ASP A 171 2.06 -8.97 -11.79
C ASP A 171 3.46 -9.42 -12.22
N ASP A 172 3.59 -10.08 -13.37
CA ASP A 172 4.91 -10.58 -13.75
C ASP A 172 5.92 -9.42 -13.85
N CYS A 173 5.50 -8.31 -14.46
CA CYS A 173 6.32 -7.09 -14.57
C CYS A 173 6.98 -6.66 -13.26
N PHE A 174 6.18 -6.47 -12.22
CA PHE A 174 6.69 -6.07 -10.92
C PHE A 174 7.67 -7.08 -10.33
N VAL A 175 7.34 -8.37 -10.47
CA VAL A 175 8.19 -9.43 -9.97
C VAL A 175 9.58 -9.38 -10.61
N ASP A 176 9.61 -9.20 -11.93
CA ASP A 176 10.88 -9.06 -12.63
C ASP A 176 11.71 -7.92 -12.05
N TYR A 177 11.09 -6.79 -11.78
CA TYR A 177 11.79 -5.66 -11.18
C TYR A 177 12.43 -6.02 -9.84
N ILE A 178 11.66 -6.62 -8.95
CA ILE A 178 12.12 -6.86 -7.59
C ILE A 178 13.25 -7.87 -7.54
N THR A 179 13.13 -8.96 -8.29
CA THR A 179 14.10 -10.03 -8.22
C THR A 179 15.49 -9.59 -8.69
N ASP A 180 15.50 -8.58 -9.57
CA ASP A 180 16.72 -8.11 -10.21
C ASP A 180 17.47 -7.00 -9.49
N ILE A 181 17.33 -6.96 -8.17
CA ILE A 181 17.98 -5.96 -7.33
C ILE A 181 18.78 -6.67 -6.21
N SER A 182 19.08 -5.95 -5.11
CA SER A 182 19.91 -6.50 -4.04
C SER A 182 19.31 -6.26 -2.65
N THR B 4 -14.81 8.71 -13.50
CA THR B 4 -15.23 8.46 -12.13
C THR B 4 -14.05 8.50 -11.19
N MET B 5 -13.18 7.53 -11.41
CA MET B 5 -12.46 6.79 -10.39
C MET B 5 -11.01 6.77 -10.79
N GLY B 6 -10.84 6.85 -12.12
CA GLY B 6 -9.56 6.89 -12.79
C GLY B 6 -8.92 8.25 -12.64
N GLN B 7 -9.57 9.15 -11.93
CA GLN B 7 -8.92 10.37 -11.51
C GLN B 7 -7.78 10.02 -10.55
N VAL B 8 -8.09 9.18 -9.58
CA VAL B 8 -7.07 8.55 -8.74
C VAL B 8 -6.10 7.71 -9.56
N GLY B 9 -6.63 7.01 -10.55
CA GLY B 9 -5.82 6.25 -11.49
C GLY B 9 -4.77 7.07 -12.21
N ARG B 10 -5.19 8.13 -12.91
CA ARG B 10 -4.26 9.06 -13.55
C ARG B 10 -3.20 9.60 -12.59
N GLN B 11 -3.64 10.00 -11.40
CA GLN B 11 -2.73 10.59 -10.44
C GLN B 11 -1.61 9.62 -10.12
N LEU B 12 -2.02 8.38 -9.84
CA LEU B 12 -1.10 7.31 -9.51
C LEU B 12 -0.07 7.02 -10.60
N LYS B 13 -0.49 7.07 -11.86
CA LYS B 13 0.45 6.86 -12.95
C LYS B 13 1.42 8.02 -13.09
N ILE B 14 0.92 9.23 -12.86
CA ILE B 14 1.70 10.46 -12.93
C ILE B 14 2.81 10.43 -11.89
N ILE B 15 2.43 10.11 -10.65
CA ILE B 15 3.42 9.90 -9.59
C ILE B 15 4.45 8.87 -10.01
N GLY B 16 3.96 7.76 -10.57
CA GLY B 16 4.81 6.70 -11.06
C GLY B 16 5.79 7.14 -12.14
N ASP B 17 5.32 7.96 -13.08
CA ASP B 17 6.23 8.52 -14.08
C ASP B 17 7.31 9.38 -13.43
N ASP B 18 6.97 10.16 -12.39
CA ASP B 18 7.98 10.95 -11.71
C ASP B 18 8.99 10.04 -11.05
N ILE B 19 8.48 9.04 -10.32
CA ILE B 19 9.32 8.00 -9.75
C ILE B 19 10.24 7.35 -10.82
N ASN B 20 9.71 6.99 -11.99
CA ASN B 20 10.56 6.45 -13.04
C ASN B 20 11.71 7.39 -13.41
N ARG B 21 11.40 8.60 -13.88
CA ARG B 21 12.43 9.54 -14.35
C ARG B 21 13.46 9.88 -13.27
N ARG B 22 13.14 9.63 -12.01
CA ARG B 22 14.07 9.98 -10.94
C ARG B 22 15.04 8.84 -10.56
N TYR B 23 14.90 7.66 -11.15
CA TYR B 23 15.82 6.55 -10.85
C TYR B 23 16.47 5.95 -12.10
N ASP B 24 16.05 6.42 -13.27
CA ASP B 24 16.79 6.18 -14.50
C ASP B 24 17.49 7.54 -14.79
N SER B 25 18.15 8.06 -13.73
CA SER B 25 19.12 9.19 -13.78
C SER B 25 19.61 9.54 -12.34
N GLN B 26 20.43 10.58 -12.24
CA GLN B 26 21.02 11.02 -10.96
C GLN B 26 19.96 11.33 -9.90
#